data_4WAG
#
_entry.id   4WAG
#
_cell.length_a   108.353
_cell.length_b   108.353
_cell.length_c   55.138
_cell.angle_alpha   90.00
_cell.angle_beta   90.00
_cell.angle_gamma   90.00
#
_symmetry.space_group_name_H-M   'P 43'
#
loop_
_entity.id
_entity.type
_entity.pdbx_description
1 polymer 'Phosphatidylinositol 4-kinase beta,Phosphatidylinositol 4-kinase beta'
2 non-polymer 6-chloro-3-(3,4-dimethoxyphenyl)-2-methylimidazo[1,2-b]pyridazin-8-amine
#
_entity_poly.entity_id   1
_entity_poly.type   'polypeptide(L)'
_entity_poly.pdbx_seq_one_letter_code
;SWLLRLFESKLFDISMAISYLYNSKEPGVQAYIGNRLFCFRNEDVDFYLPQLLNMYIHMDEDVGDAIKPYIVHRCRQSIN
FSLQCALLLGAYSSDMHISTQRHSRGTKLRKLILSDELKPAHRKRELPSLSPAPDTGLSPSKRTHQRSKSDATASISLSS
NLKRTASNPKVENEDEELSSSTESIDNSFSSPVRLAPEREFIKSLMAIGKRLATLPTKEQKTQRLISELSLLNHKLPARV
WLPTAGFDHHVVRVPHTQAVVLNSKDKAPYLIYVEVLECENFDTTSVPARIPENRRDPEDPSAVALKEPWQEKVRRIREG
SPYGHLPNWRLLSVIVKCGDDLRQELLAFQVLKQLQSIWEQERVPLWIKPYKILVISADSGMIEPVVNAVSIHQVKKQSQ
LSLLDYFLQEHGSYTTEAFLSAQRNFVQSCAGYCLVCYLLQVKDRHNGNILLDAEGHIIHIDFGFILSSSPRNLGFETSA
FKLTTEFVDVMGGLDGDMFNYYKMLMLQGLIAARKHMDKVVQIVEIMQQGSQLPCFHGSSTIRNLKERFHMSMTEEQLQL
LVEQMVDGSMRS
;
_entity_poly.pdbx_strand_id   A
#
# COMPACT_ATOMS: atom_id res chain seq x y z
N LEU A 3 -28.23 -6.01 9.00
CA LEU A 3 -27.80 -5.55 10.30
C LEU A 3 -28.97 -5.04 11.11
N LEU A 4 -30.03 -5.83 11.13
CA LEU A 4 -31.09 -5.74 12.13
C LEU A 4 -31.74 -4.39 12.24
N ARG A 5 -31.64 -3.57 11.19
CA ARG A 5 -32.06 -2.17 11.26
C ARG A 5 -31.43 -1.63 12.51
N LEU A 6 -32.26 -1.09 13.40
CA LEU A 6 -31.92 -0.87 14.81
C LEU A 6 -30.53 -0.31 15.04
N PHE A 7 -30.15 0.62 14.19
CA PHE A 7 -28.97 1.44 14.39
C PHE A 7 -29.40 2.72 15.04
N GLU A 8 -30.67 2.78 15.36
CA GLU A 8 -31.25 4.00 15.82
C GLU A 8 -30.52 4.39 17.06
N SER A 9 -29.85 3.43 17.66
CA SER A 9 -29.05 3.69 18.84
C SER A 9 -27.72 4.26 18.41
N LYS A 10 -27.70 5.55 18.15
CA LYS A 10 -26.72 6.19 17.25
C LYS A 10 -25.24 6.26 17.63
N LEU A 11 -24.43 6.21 16.58
CA LEU A 11 -22.97 6.31 16.64
C LEU A 11 -22.42 7.66 16.15
N PHE A 12 -22.26 7.89 14.85
CA PHE A 12 -22.49 7.00 13.72
C PHE A 12 -21.22 7.14 12.94
N ASP A 13 -20.75 6.08 12.31
CA ASP A 13 -19.42 6.09 11.76
C ASP A 13 -19.22 5.39 10.42
N ILE A 14 -18.38 6.01 9.63
CA ILE A 14 -18.14 5.77 8.21
C ILE A 14 -17.94 4.28 7.89
N SER A 15 -17.17 3.61 8.75
CA SER A 15 -17.01 2.18 8.69
C SER A 15 -18.34 1.52 8.91
N MET A 16 -19.03 1.99 9.94
CA MET A 16 -20.29 1.40 10.32
C MET A 16 -21.35 1.67 9.28
N ALA A 17 -21.27 2.83 8.64
CA ALA A 17 -22.21 3.16 7.58
C ALA A 17 -22.03 2.22 6.41
N ILE A 18 -20.76 2.01 6.02
CA ILE A 18 -20.44 1.04 5.00
C ILE A 18 -21.04 -0.28 5.41
N SER A 19 -20.91 -0.61 6.68
CA SER A 19 -21.40 -1.89 7.19
C SER A 19 -22.88 -2.02 6.98
N TYR A 20 -23.61 -0.94 7.24
CA TYR A 20 -25.05 -0.99 7.05
C TYR A 20 -25.38 -1.07 5.58
N LEU A 21 -24.49 -0.58 4.75
CA LEU A 21 -24.77 -0.62 3.32
C LEU A 21 -24.57 -2.03 2.79
N TYR A 22 -23.51 -2.68 3.23
CA TYR A 22 -23.16 -4.00 2.76
C TYR A 22 -24.08 -5.05 3.32
N ASN A 23 -24.19 -5.05 4.65
CA ASN A 23 -24.87 -6.12 5.36
C ASN A 23 -26.39 -6.06 5.45
N SER A 24 -26.97 -4.88 5.35
CA SER A 24 -28.39 -4.73 5.67
C SER A 24 -29.33 -5.23 4.59
N LYS A 25 -30.29 -6.04 5.00
CA LYS A 25 -31.31 -6.56 4.11
C LYS A 25 -32.61 -5.79 4.18
N GLU A 26 -32.65 -4.70 4.94
CA GLU A 26 -33.88 -3.94 5.06
C GLU A 26 -34.10 -3.05 3.86
N PRO A 27 -35.35 -2.89 3.44
CA PRO A 27 -35.69 -2.20 2.20
C PRO A 27 -35.31 -0.75 2.13
N GLY A 28 -35.29 -0.05 3.25
CA GLY A 28 -35.09 1.39 3.19
C GLY A 28 -33.71 1.91 3.49
N VAL A 29 -32.88 1.09 4.11
CA VAL A 29 -31.64 1.59 4.68
C VAL A 29 -30.52 1.79 3.67
N GLN A 30 -30.47 0.97 2.64
CA GLN A 30 -29.39 1.09 1.68
C GLN A 30 -29.40 2.47 1.08
N ALA A 31 -30.58 2.94 0.71
CA ALA A 31 -30.69 4.26 0.12
C ALA A 31 -30.40 5.31 1.16
N TYR A 32 -30.76 5.04 2.40
CA TYR A 32 -30.57 6.00 3.47
C TYR A 32 -29.10 6.29 3.58
N ILE A 33 -28.33 5.24 3.83
CA ILE A 33 -26.89 5.35 3.92
C ILE A 33 -26.39 6.04 2.67
N GLY A 34 -26.93 5.61 1.53
CA GLY A 34 -26.56 6.21 0.27
C GLY A 34 -26.67 7.71 0.30
N ASN A 35 -27.63 8.21 1.07
CA ASN A 35 -27.80 9.64 1.23
C ASN A 35 -27.02 10.21 2.38
N ARG A 36 -26.52 9.35 3.25
CA ARG A 36 -25.79 9.81 4.41
C ARG A 36 -24.32 9.91 4.11
N LEU A 37 -23.91 9.36 2.99
CA LEU A 37 -22.52 9.42 2.61
C LEU A 37 -22.14 10.86 2.37
N PHE A 38 -23.09 11.64 1.86
CA PHE A 38 -22.82 13.03 1.56
C PHE A 38 -22.48 13.82 2.80
N CYS A 39 -22.80 13.28 3.96
CA CYS A 39 -22.61 14.00 5.21
C CYS A 39 -21.23 13.76 5.78
N PHE A 40 -20.41 13.03 5.03
CA PHE A 40 -19.11 12.59 5.52
C PHE A 40 -17.97 13.31 4.86
N ARG A 41 -16.86 13.40 5.57
CA ARG A 41 -15.66 14.03 5.07
C ARG A 41 -15.20 13.26 3.85
N ASN A 42 -15.03 13.96 2.74
CA ASN A 42 -14.73 13.31 1.48
C ASN A 42 -13.48 12.46 1.56
N GLU A 43 -12.48 12.95 2.28
CA GLU A 43 -11.24 12.24 2.38
C GLU A 43 -11.40 10.96 3.18
N ASP A 44 -12.44 10.92 4.01
CA ASP A 44 -12.73 9.74 4.82
C ASP A 44 -13.43 8.70 3.97
N VAL A 45 -14.24 9.15 3.03
CA VAL A 45 -14.99 8.25 2.18
C VAL A 45 -14.11 7.69 1.09
N ASP A 46 -13.13 8.47 0.66
CA ASP A 46 -12.27 8.07 -0.46
C ASP A 46 -11.42 6.84 -0.18
N PHE A 47 -11.36 6.44 1.08
CA PHE A 47 -10.54 5.30 1.47
C PHE A 47 -11.24 4.00 1.13
N TYR A 48 -12.55 4.01 1.31
CA TYR A 48 -13.34 2.81 1.15
C TYR A 48 -13.80 2.68 -0.28
N LEU A 49 -13.33 3.58 -1.12
CA LEU A 49 -13.73 3.60 -2.51
C LEU A 49 -13.69 2.24 -3.21
N PRO A 50 -12.61 1.49 -3.07
CA PRO A 50 -12.62 0.23 -3.80
C PRO A 50 -13.66 -0.72 -3.27
N GLN A 51 -14.14 -0.48 -2.06
CA GLN A 51 -15.18 -1.31 -1.49
C GLN A 51 -16.55 -0.90 -1.98
N LEU A 52 -16.71 0.36 -2.33
CA LEU A 52 -17.98 0.83 -2.83
C LEU A 52 -18.25 0.30 -4.22
N LEU A 53 -17.27 0.47 -5.09
CA LEU A 53 -17.41 0.01 -6.47
C LEU A 53 -17.58 -1.48 -6.55
N ASN A 54 -16.79 -2.23 -5.77
CA ASN A 54 -16.95 -3.66 -5.74
C ASN A 54 -18.33 -4.02 -5.18
N MET A 55 -18.91 -3.14 -4.39
CA MET A 55 -20.27 -3.31 -3.95
C MET A 55 -21.21 -2.85 -5.04
N TYR A 56 -20.81 -1.82 -5.76
CA TYR A 56 -21.60 -1.33 -6.87
C TYR A 56 -21.70 -2.39 -7.93
N ILE A 57 -20.57 -3.00 -8.24
CA ILE A 57 -20.46 -3.93 -9.35
C ILE A 57 -21.14 -5.26 -9.12
N HIS A 58 -20.78 -5.92 -8.03
CA HIS A 58 -21.17 -7.30 -7.82
C HIS A 58 -22.41 -7.48 -6.98
N MET A 59 -23.00 -6.39 -6.53
CA MET A 59 -24.10 -6.49 -5.60
C MET A 59 -25.39 -5.94 -6.16
N ASP A 60 -26.40 -5.86 -5.30
CA ASP A 60 -27.78 -5.64 -5.71
C ASP A 60 -27.97 -4.29 -6.36
N GLU A 61 -29.05 -4.17 -7.09
CA GLU A 61 -29.38 -2.91 -7.74
C GLU A 61 -29.81 -1.92 -6.70
N ASP A 62 -30.21 -2.42 -5.54
CA ASP A 62 -30.56 -1.54 -4.45
C ASP A 62 -29.29 -0.85 -4.00
N VAL A 63 -28.26 -1.64 -3.80
CA VAL A 63 -26.98 -1.10 -3.35
C VAL A 63 -26.37 -0.25 -4.42
N GLY A 64 -26.48 -0.71 -5.65
CA GLY A 64 -25.94 0.01 -6.77
C GLY A 64 -26.55 1.38 -6.87
N ASP A 65 -27.87 1.43 -6.93
CA ASP A 65 -28.59 2.69 -7.06
C ASP A 65 -28.45 3.53 -5.81
N ALA A 66 -28.07 2.90 -4.71
CA ALA A 66 -27.84 3.62 -3.47
C ALA A 66 -26.54 4.40 -3.50
N ILE A 67 -25.45 3.73 -3.85
CA ILE A 67 -24.16 4.39 -3.92
C ILE A 67 -24.12 5.34 -5.08
N LYS A 68 -24.78 4.96 -6.16
CA LYS A 68 -24.70 5.64 -7.44
C LYS A 68 -24.74 7.16 -7.44
N PRO A 69 -25.60 7.78 -6.65
CA PRO A 69 -25.61 9.24 -6.71
C PRO A 69 -24.39 9.88 -6.09
N TYR A 70 -23.77 9.23 -5.12
CA TYR A 70 -22.67 9.86 -4.43
C TYR A 70 -21.50 10.03 -5.36
N ILE A 71 -21.21 8.98 -6.12
CA ILE A 71 -20.02 8.98 -6.93
C ILE A 71 -20.15 10.02 -8.02
N VAL A 72 -21.35 10.19 -8.53
CA VAL A 72 -21.57 11.13 -9.60
C VAL A 72 -21.36 12.52 -9.06
N HIS A 73 -21.78 12.72 -7.82
CA HIS A 73 -21.62 13.99 -7.16
C HIS A 73 -20.15 14.30 -7.04
N ARG A 74 -19.38 13.28 -6.71
CA ARG A 74 -17.95 13.46 -6.54
C ARG A 74 -17.18 13.45 -7.86
N CYS A 75 -17.59 12.59 -8.78
CA CYS A 75 -16.94 12.51 -10.08
C CYS A 75 -17.03 13.85 -10.79
N ARG A 76 -18.16 14.52 -10.63
CA ARG A 76 -18.31 15.87 -11.14
C ARG A 76 -17.39 16.78 -10.37
N GLN A 77 -17.20 16.48 -9.09
CA GLN A 77 -16.48 17.35 -8.17
C GLN A 77 -14.98 17.19 -8.27
N SER A 78 -14.51 15.96 -8.39
CA SER A 78 -13.08 15.70 -8.47
C SER A 78 -12.77 14.83 -9.67
N ILE A 79 -11.72 15.20 -10.39
CA ILE A 79 -11.33 14.50 -11.60
C ILE A 79 -10.52 13.24 -11.29
N ASN A 80 -9.60 13.36 -10.35
CA ASN A 80 -8.83 12.21 -9.91
C ASN A 80 -9.76 11.13 -9.39
N PHE A 81 -10.79 11.55 -8.70
CA PHE A 81 -11.78 10.64 -8.20
C PHE A 81 -12.37 9.86 -9.35
N SER A 82 -12.70 10.57 -10.42
CA SER A 82 -13.29 9.94 -11.58
C SER A 82 -12.33 8.92 -12.16
N LEU A 83 -11.06 9.29 -12.23
CA LEU A 83 -10.05 8.38 -12.74
C LEU A 83 -10.11 7.10 -11.96
N GLN A 84 -10.09 7.25 -10.65
CA GLN A 84 -10.11 6.11 -9.77
C GLN A 84 -11.30 5.23 -10.06
N CYS A 85 -12.48 5.84 -10.08
CA CYS A 85 -13.70 5.11 -10.33
C CYS A 85 -13.62 4.30 -11.61
N ALA A 86 -13.14 4.92 -12.68
CA ALA A 86 -12.94 4.22 -13.93
C ALA A 86 -12.06 3.00 -13.76
N LEU A 87 -10.80 3.24 -13.41
CA LEU A 87 -9.82 2.18 -13.29
C LEU A 87 -10.36 1.01 -12.48
N LEU A 88 -10.91 1.32 -11.31
CA LEU A 88 -11.40 0.28 -10.42
C LEU A 88 -12.63 -0.39 -10.99
N LEU A 89 -13.32 0.29 -11.88
CA LEU A 89 -14.50 -0.29 -12.47
C LEU A 89 -14.05 -1.32 -13.48
N GLY A 90 -12.88 -1.09 -14.05
CA GLY A 90 -12.34 -2.05 -14.99
C GLY A 90 -11.66 -3.23 -14.36
N ALA A 91 -10.97 -2.99 -13.25
CA ALA A 91 -10.16 -4.02 -12.64
C ALA A 91 -10.98 -5.01 -11.85
N TYR A 92 -12.02 -4.53 -11.21
CA TYR A 92 -12.75 -5.33 -10.25
C TYR A 92 -13.98 -6.03 -10.81
N SER A 93 -14.18 -5.94 -12.12
CA SER A 93 -15.23 -6.71 -12.75
C SER A 93 -14.59 -7.73 -13.68
N SER A 94 -14.59 -8.98 -13.24
CA SER A 94 -14.14 -10.09 -14.05
C SER A 94 -15.04 -11.24 -13.65
N ASP A 95 -15.58 -11.94 -14.64
CA ASP A 95 -16.68 -12.90 -14.43
C ASP A 95 -17.96 -12.18 -14.01
N MET A 96 -17.90 -10.86 -13.89
CA MET A 96 -19.09 -10.06 -13.63
C MET A 96 -18.88 -8.58 -13.93
N SER A 188 -11.78 22.99 -18.96
CA SER A 188 -11.88 21.92 -19.95
C SER A 188 -12.19 20.56 -19.31
N PHE A 189 -13.18 20.54 -18.41
CA PHE A 189 -13.56 19.33 -17.69
C PHE A 189 -15.06 19.03 -17.78
N SER A 190 -15.42 17.80 -17.42
CA SER A 190 -16.78 17.24 -17.66
C SER A 190 -17.07 16.98 -19.13
N SER A 191 -16.10 17.30 -19.98
CA SER A 191 -16.08 16.95 -21.39
C SER A 191 -15.49 15.56 -21.53
N PRO A 192 -15.76 14.87 -22.66
CA PRO A 192 -15.32 13.48 -22.81
C PRO A 192 -13.81 13.32 -22.92
N VAL A 193 -13.12 14.39 -23.25
CA VAL A 193 -11.68 14.36 -23.46
C VAL A 193 -10.97 14.63 -22.13
N ARG A 194 -11.76 14.71 -21.07
CA ARG A 194 -11.28 15.06 -19.73
C ARG A 194 -10.08 14.23 -19.31
N LEU A 195 -10.20 12.93 -19.41
CA LEU A 195 -9.15 12.02 -18.94
C LEU A 195 -8.22 11.51 -20.02
N ALA A 196 -8.47 11.90 -21.26
CA ALA A 196 -7.70 11.38 -22.38
C ALA A 196 -6.18 11.57 -22.29
N PRO A 197 -5.71 12.75 -21.88
CA PRO A 197 -4.27 12.87 -21.76
C PRO A 197 -3.72 11.91 -20.71
N GLU A 198 -4.45 11.74 -19.63
CA GLU A 198 -4.02 10.84 -18.59
C GLU A 198 -4.03 9.42 -19.09
N ARG A 199 -5.14 9.04 -19.71
CA ARG A 199 -5.27 7.69 -20.25
C ARG A 199 -4.11 7.38 -21.14
N GLU A 200 -3.72 8.35 -21.96
CA GLU A 200 -2.64 8.11 -22.92
C GLU A 200 -1.29 8.06 -22.22
N PHE A 201 -1.15 8.81 -21.14
CA PHE A 201 0.07 8.79 -20.35
C PHE A 201 0.28 7.39 -19.80
N ILE A 202 -0.70 6.95 -19.04
CA ILE A 202 -0.66 5.62 -18.46
C ILE A 202 -0.46 4.56 -19.52
N LYS A 203 -1.19 4.69 -20.61
CA LYS A 203 -1.12 3.74 -21.70
C LYS A 203 0.29 3.65 -22.19
N SER A 204 0.93 4.81 -22.30
CA SER A 204 2.31 4.87 -22.71
C SER A 204 3.12 4.04 -21.77
N LEU A 205 3.17 4.48 -20.51
CA LEU A 205 4.02 3.83 -19.52
C LEU A 205 3.88 2.32 -19.50
N MET A 206 2.64 1.87 -19.55
CA MET A 206 2.38 0.45 -19.51
C MET A 206 2.79 -0.27 -20.79
N ALA A 207 2.70 0.44 -21.91
CA ALA A 207 3.14 -0.12 -23.18
C ALA A 207 4.64 -0.28 -23.15
N ILE A 208 5.32 0.76 -22.68
CA ILE A 208 6.75 0.75 -22.51
C ILE A 208 7.13 -0.45 -21.69
N GLY A 209 6.43 -0.64 -20.58
CA GLY A 209 6.70 -1.78 -19.73
C GLY A 209 6.46 -3.10 -20.43
N LYS A 210 5.49 -3.13 -21.33
CA LYS A 210 5.16 -4.37 -22.02
C LYS A 210 6.10 -4.63 -23.17
N ARG A 211 6.94 -3.65 -23.50
CA ARG A 211 7.84 -3.81 -24.62
C ARG A 211 9.17 -4.43 -24.25
N LEU A 212 9.43 -4.57 -22.96
CA LEU A 212 10.76 -4.94 -22.52
C LEU A 212 10.99 -6.44 -22.60
N ALA A 213 9.92 -7.20 -22.78
CA ALA A 213 9.97 -8.65 -22.70
C ALA A 213 11.05 -9.33 -23.56
N THR A 214 11.21 -8.84 -24.79
CA THR A 214 12.14 -9.43 -25.74
C THR A 214 13.57 -9.44 -25.21
N LEU A 215 13.91 -8.41 -24.43
CA LEU A 215 15.27 -8.24 -23.95
C LEU A 215 15.49 -8.98 -22.64
N PRO A 216 16.30 -10.05 -22.68
CA PRO A 216 16.52 -10.96 -21.56
C PRO A 216 17.11 -10.33 -20.32
N THR A 217 18.15 -9.53 -20.48
CA THR A 217 18.92 -9.05 -19.34
C THR A 217 18.66 -7.60 -18.98
N LYS A 218 18.55 -7.36 -17.67
CA LYS A 218 18.08 -6.11 -17.11
C LYS A 218 18.71 -4.83 -17.65
N GLU A 219 20.00 -4.87 -17.91
CA GLU A 219 20.72 -3.67 -18.34
C GLU A 219 20.24 -3.21 -19.71
N GLN A 220 19.99 -4.18 -20.57
CA GLN A 220 19.47 -3.94 -21.90
C GLN A 220 18.12 -3.29 -21.76
N LYS A 221 17.32 -3.84 -20.86
CA LYS A 221 15.99 -3.34 -20.59
C LYS A 221 16.04 -1.90 -20.12
N THR A 222 16.96 -1.57 -19.24
CA THR A 222 17.07 -0.21 -18.75
C THR A 222 17.40 0.73 -19.88
N GLN A 223 18.40 0.36 -20.67
CA GLN A 223 18.82 1.23 -21.76
C GLN A 223 17.68 1.50 -22.72
N ARG A 224 17.03 0.42 -23.15
CA ARG A 224 15.90 0.55 -24.07
C ARG A 224 14.82 1.40 -23.43
N LEU A 225 14.64 1.20 -22.13
CA LEU A 225 13.62 1.90 -21.39
C LEU A 225 13.83 3.39 -21.49
N ILE A 226 15.00 3.86 -21.08
CA ILE A 226 15.28 5.27 -21.15
C ILE A 226 15.12 5.78 -22.55
N SER A 227 15.57 4.96 -23.50
CA SER A 227 15.48 5.35 -24.90
C SER A 227 14.05 5.65 -25.29
N GLU A 228 13.12 4.85 -24.78
CA GLU A 228 11.71 5.04 -25.07
C GLU A 228 11.07 6.11 -24.20
N LEU A 229 11.64 6.33 -23.03
CA LEU A 229 11.04 7.13 -21.99
C LEU A 229 11.42 8.57 -22.23
N SER A 230 12.41 8.75 -23.08
CA SER A 230 12.92 10.06 -23.39
C SER A 230 11.86 10.87 -24.09
N LEU A 231 10.88 10.17 -24.63
CA LEU A 231 9.96 10.76 -25.59
C LEU A 231 8.81 11.53 -24.96
N LEU A 232 8.58 11.33 -23.68
CA LEU A 232 7.39 11.89 -23.04
C LEU A 232 7.46 13.39 -22.82
N ASN A 233 8.65 13.90 -22.52
CA ASN A 233 8.79 15.32 -22.26
C ASN A 233 8.41 16.14 -23.48
N HIS A 234 8.35 15.49 -24.63
CA HIS A 234 7.88 16.14 -25.83
C HIS A 234 6.47 16.61 -25.57
N LYS A 235 5.65 15.72 -25.03
CA LYS A 235 4.25 16.00 -24.86
C LYS A 235 3.95 16.66 -23.53
N LEU A 236 5.01 17.00 -22.80
CA LEU A 236 4.84 17.52 -21.45
C LEU A 236 5.27 18.98 -21.37
N PRO A 237 4.65 19.76 -20.48
CA PRO A 237 3.55 19.34 -19.61
C PRO A 237 2.26 19.15 -20.38
N ALA A 238 1.24 18.70 -19.66
CA ALA A 238 -0.05 18.39 -20.24
C ALA A 238 -1.00 18.30 -19.08
N ARG A 239 -2.20 17.79 -19.29
CA ARG A 239 -3.08 17.64 -18.17
C ARG A 239 -2.88 16.22 -17.74
N VAL A 240 -2.04 16.03 -16.73
CA VAL A 240 -1.63 14.72 -16.29
C VAL A 240 -1.16 14.75 -14.83
N TRP A 241 -1.38 13.68 -14.08
CA TRP A 241 -0.96 13.64 -12.70
C TRP A 241 -0.73 12.22 -12.23
N LEU A 242 0.06 12.07 -11.18
CA LEU A 242 0.28 10.78 -10.54
C LEU A 242 -0.56 10.68 -9.28
N PRO A 243 -1.59 9.84 -9.31
CA PRO A 243 -2.58 9.71 -8.23
C PRO A 243 -1.93 9.32 -6.94
N THR A 244 -0.71 8.82 -7.04
CA THR A 244 0.08 8.45 -5.90
C THR A 244 0.31 9.65 -5.00
N ALA A 245 0.55 10.79 -5.62
CA ALA A 245 0.81 12.01 -4.88
C ALA A 245 -0.38 12.43 -4.03
N GLY A 246 -0.11 12.80 -2.78
CA GLY A 246 -1.15 13.28 -1.90
C GLY A 246 -1.47 14.74 -2.14
N PHE A 247 -1.04 15.25 -3.28
CA PHE A 247 -1.31 16.64 -3.65
C PHE A 247 -1.70 16.78 -5.11
N ASP A 248 -2.54 17.75 -5.42
CA ASP A 248 -2.91 18.03 -6.80
C ASP A 248 -1.68 18.54 -7.51
N HIS A 249 -1.51 18.16 -8.77
CA HIS A 249 -0.32 18.55 -9.50
C HIS A 249 -0.41 18.34 -11.01
N HIS A 250 0.67 18.72 -11.68
CA HIS A 250 0.84 18.51 -13.11
C HIS A 250 2.20 17.89 -13.30
N VAL A 251 2.33 16.92 -14.20
CA VAL A 251 3.64 16.35 -14.42
C VAL A 251 4.26 17.15 -15.54
N VAL A 252 5.25 17.97 -15.19
CA VAL A 252 5.91 18.78 -16.18
C VAL A 252 7.17 18.18 -16.79
N ARG A 253 7.77 17.20 -16.13
CA ARG A 253 9.02 16.66 -16.66
C ARG A 253 9.30 15.25 -16.18
N VAL A 254 9.94 14.44 -17.00
CA VAL A 254 10.46 13.15 -16.53
C VAL A 254 11.96 13.02 -16.72
N PRO A 255 12.72 13.01 -15.62
CA PRO A 255 14.16 12.82 -15.70
C PRO A 255 14.50 11.43 -16.20
N HIS A 256 14.36 11.23 -17.50
CA HIS A 256 14.52 9.91 -18.11
C HIS A 256 15.83 9.22 -17.79
N THR A 257 16.89 10.00 -17.68
CA THR A 257 18.22 9.43 -17.51
C THR A 257 18.37 8.64 -16.22
N GLN A 258 17.52 8.94 -15.24
CA GLN A 258 17.61 8.30 -13.93
C GLN A 258 16.71 7.09 -13.78
N ALA A 259 16.01 6.73 -14.84
CA ALA A 259 15.12 5.59 -14.79
C ALA A 259 15.91 4.31 -14.64
N VAL A 260 15.39 3.37 -13.87
CA VAL A 260 16.06 2.09 -13.68
C VAL A 260 15.07 0.96 -13.85
N VAL A 261 15.58 -0.26 -13.98
CA VAL A 261 14.73 -1.43 -14.03
C VAL A 261 15.13 -2.38 -12.92
N LEU A 262 14.13 -2.94 -12.24
CA LEU A 262 14.37 -3.69 -11.02
C LEU A 262 14.83 -5.12 -11.20
N ASN A 263 14.33 -5.82 -12.20
CA ASN A 263 14.76 -7.19 -12.43
C ASN A 263 14.74 -7.65 -13.88
N SER A 264 15.15 -8.90 -14.09
CA SER A 264 15.36 -9.44 -15.44
C SER A 264 14.22 -10.28 -16.02
N LYS A 265 13.12 -10.40 -15.30
CA LYS A 265 12.03 -11.24 -15.78
C LYS A 265 11.34 -10.55 -16.95
N ASP A 266 10.33 -11.19 -17.51
CA ASP A 266 9.62 -10.64 -18.64
C ASP A 266 8.59 -9.62 -18.19
N LYS A 267 8.03 -9.84 -17.02
CA LYS A 267 7.06 -8.94 -16.43
C LYS A 267 7.75 -7.95 -15.51
N ALA A 268 9.07 -7.96 -15.55
CA ALA A 268 9.91 -7.14 -14.69
C ALA A 268 9.51 -5.68 -14.68
N PRO A 269 9.39 -5.11 -13.48
CA PRO A 269 8.96 -3.73 -13.25
C PRO A 269 10.06 -2.75 -13.55
N TYR A 270 9.74 -1.46 -13.47
CA TYR A 270 10.73 -0.44 -13.62
C TYR A 270 10.41 0.79 -12.79
N LEU A 271 11.44 1.40 -12.25
CA LEU A 271 11.29 2.54 -11.37
C LEU A 271 11.58 3.81 -12.13
N ILE A 272 10.73 4.82 -11.96
CA ILE A 272 10.96 6.10 -12.61
C ILE A 272 10.77 7.29 -11.69
N TYR A 273 11.47 8.38 -12.00
CA TYR A 273 11.40 9.60 -11.24
C TYR A 273 10.68 10.64 -12.08
N VAL A 274 9.81 11.42 -11.46
CA VAL A 274 8.92 12.31 -12.18
C VAL A 274 8.81 13.67 -11.53
N GLU A 275 9.13 14.72 -12.27
CA GLU A 275 9.11 16.08 -11.77
C GLU A 275 7.78 16.74 -12.02
N VAL A 276 7.14 17.15 -10.93
CA VAL A 276 5.83 17.78 -11.02
C VAL A 276 5.80 19.11 -10.28
N LEU A 277 4.77 19.89 -10.57
CA LEU A 277 4.57 21.19 -9.95
C LEU A 277 3.19 21.24 -9.29
N GLU A 278 3.16 21.59 -8.02
CA GLU A 278 1.95 21.50 -7.25
C GLU A 278 0.97 22.61 -7.57
N CYS A 279 -0.32 22.26 -7.66
CA CYS A 279 -1.37 23.27 -7.78
C CYS A 279 -2.07 23.40 -6.46
N GLU A 280 -2.99 24.36 -6.36
CA GLU A 280 -3.89 24.42 -5.22
C GLU A 280 -5.04 23.48 -5.44
N ASN A 281 -5.64 23.60 -6.63
CA ASN A 281 -6.73 22.75 -7.06
C ASN A 281 -6.48 22.38 -8.51
N PHE A 282 -6.33 21.09 -8.78
CA PHE A 282 -6.03 20.64 -10.12
C PHE A 282 -7.13 21.01 -11.09
N ASP A 283 -8.35 21.09 -10.58
CA ASP A 283 -9.49 21.35 -11.45
C ASP A 283 -9.52 22.79 -11.94
N THR A 284 -9.40 23.73 -11.01
CA THR A 284 -9.45 25.14 -11.39
C THR A 284 -8.19 25.57 -12.13
N THR A 285 -7.04 25.32 -11.52
CA THR A 285 -5.77 25.85 -12.01
C THR A 285 -5.41 25.33 -13.37
N SER A 286 -4.57 26.08 -14.08
CA SER A 286 -4.25 25.79 -15.47
C SER A 286 -2.89 25.13 -15.66
N VAL A 287 -2.63 24.74 -16.90
CA VAL A 287 -1.45 23.96 -17.22
C VAL A 287 -0.29 24.87 -17.55
N PRO A 288 0.84 24.68 -16.86
CA PRO A 288 2.02 25.53 -17.03
C PRO A 288 2.70 25.27 -18.36
N ALA A 289 3.78 26.01 -18.62
CA ALA A 289 4.45 25.95 -19.91
C ALA A 289 5.86 25.38 -19.82
N ARG A 290 6.21 24.58 -20.81
CA ARG A 290 7.49 23.88 -20.80
C ARG A 290 8.65 24.85 -20.90
N ILE A 291 9.83 24.36 -20.52
CA ILE A 291 11.07 25.12 -20.65
C ILE A 291 12.15 24.20 -21.24
N PRO A 292 12.27 24.19 -22.57
CA PRO A 292 12.97 23.18 -23.38
C PRO A 292 14.46 22.96 -23.14
N GLU A 293 15.14 23.86 -22.45
CA GLU A 293 16.59 23.73 -22.30
C GLU A 293 16.99 22.42 -21.62
N TRP A 310 21.50 8.18 -0.80
CA TRP A 310 20.40 8.86 -0.13
C TRP A 310 19.52 9.46 -1.21
N GLN A 311 18.48 10.18 -0.83
CA GLN A 311 17.79 10.93 -1.86
C GLN A 311 18.29 12.34 -1.72
N GLU A 312 19.36 12.62 -2.46
CA GLU A 312 19.71 13.93 -2.93
C GLU A 312 19.42 13.91 -4.41
N LYS A 313 18.97 12.77 -4.90
CA LYS A 313 18.61 12.63 -6.30
C LYS A 313 17.67 13.77 -6.60
N VAL A 314 16.87 14.13 -5.61
CA VAL A 314 16.05 15.32 -5.66
C VAL A 314 16.90 16.49 -6.08
N ARG A 315 17.99 16.73 -5.38
CA ARG A 315 18.88 17.83 -5.71
C ARG A 315 19.44 17.70 -7.11
N ARG A 316 20.28 16.69 -7.31
CA ARG A 316 21.03 16.57 -8.57
C ARG A 316 20.13 16.52 -9.79
N ILE A 317 18.87 16.19 -9.58
CA ILE A 317 17.90 16.32 -10.65
C ILE A 317 17.42 17.75 -10.75
N ARG A 318 17.16 18.35 -9.60
CA ARG A 318 16.59 19.68 -9.55
C ARG A 318 17.52 20.67 -10.22
N GLU A 319 18.78 20.62 -9.84
CA GLU A 319 19.78 21.51 -10.38
C GLU A 319 20.06 21.17 -11.83
N GLY A 320 19.61 19.98 -12.23
CA GLY A 320 19.76 19.55 -13.60
C GLY A 320 18.43 19.59 -14.32
N SER A 321 17.49 20.38 -13.78
CA SER A 321 16.16 20.44 -14.37
C SER A 321 15.74 21.85 -14.72
N PRO A 322 15.08 22.01 -15.87
CA PRO A 322 14.61 23.30 -16.34
C PRO A 322 13.66 23.92 -15.35
N TYR A 323 12.73 23.13 -14.86
CA TYR A 323 11.69 23.63 -13.97
C TYR A 323 12.19 23.55 -12.55
N GLY A 324 13.44 23.14 -12.40
CA GLY A 324 14.02 22.91 -11.09
C GLY A 324 13.90 24.07 -10.14
N HIS A 325 14.04 25.28 -10.65
CA HIS A 325 14.08 26.46 -9.81
C HIS A 325 12.76 26.74 -9.12
N LEU A 326 11.68 26.16 -9.63
CA LEU A 326 10.34 26.46 -9.15
C LEU A 326 10.16 26.13 -7.69
N PRO A 327 9.50 27.01 -6.95
CA PRO A 327 9.18 26.77 -5.54
C PRO A 327 8.12 25.70 -5.43
N ASN A 328 7.40 25.48 -6.51
CA ASN A 328 6.39 24.45 -6.55
C ASN A 328 7.04 23.10 -6.73
N TRP A 329 8.21 23.10 -7.33
CA TRP A 329 8.81 21.88 -7.86
C TRP A 329 8.93 20.79 -6.82
N ARG A 330 8.36 19.64 -7.13
CA ARG A 330 8.45 18.48 -6.27
C ARG A 330 8.72 17.25 -7.11
N LEU A 331 9.52 16.34 -6.56
CA LEU A 331 9.87 15.12 -7.26
C LEU A 331 9.07 13.96 -6.72
N LEU A 332 8.71 13.05 -7.61
CA LEU A 332 7.98 11.87 -7.24
C LEU A 332 8.68 10.67 -7.84
N SER A 333 8.31 9.48 -7.40
CA SER A 333 8.91 8.28 -7.91
C SER A 333 7.86 7.21 -7.91
N VAL A 334 7.86 6.35 -8.92
CA VAL A 334 6.93 5.24 -8.96
C VAL A 334 7.51 3.98 -9.55
N ILE A 335 6.81 2.88 -9.33
CA ILE A 335 7.20 1.59 -9.84
C ILE A 335 6.10 1.08 -10.72
N VAL A 336 6.39 0.99 -12.01
CA VAL A 336 5.39 0.62 -12.98
C VAL A 336 5.45 -0.85 -13.26
N LYS A 337 4.42 -1.56 -12.83
CA LYS A 337 4.40 -2.99 -13.04
C LYS A 337 3.29 -3.31 -14.01
N CYS A 338 3.69 -3.68 -15.23
CA CYS A 338 2.77 -3.84 -16.35
C CYS A 338 2.07 -5.18 -16.38
N GLY A 339 2.72 -6.19 -15.84
CA GLY A 339 2.20 -7.53 -15.89
C GLY A 339 1.75 -8.09 -14.57
N ASP A 340 1.58 -7.24 -13.58
CA ASP A 340 1.29 -7.72 -12.23
C ASP A 340 -0.03 -7.19 -11.70
N ASP A 341 -0.69 -8.00 -10.87
CA ASP A 341 -2.01 -7.68 -10.34
C ASP A 341 -1.90 -7.20 -8.91
N LEU A 342 -2.18 -5.91 -8.70
CA LEU A 342 -1.96 -5.29 -7.41
C LEU A 342 -3.19 -5.20 -6.53
N ARG A 343 -4.30 -5.76 -6.98
CA ARG A 343 -5.53 -5.71 -6.22
C ARG A 343 -5.39 -6.32 -4.84
N GLN A 344 -4.77 -7.48 -4.78
CA GLN A 344 -4.50 -8.14 -3.51
C GLN A 344 -3.65 -7.22 -2.67
N GLU A 345 -2.55 -6.76 -3.25
CA GLU A 345 -1.62 -5.92 -2.53
C GLU A 345 -2.30 -4.65 -2.07
N LEU A 346 -3.26 -4.20 -2.85
CA LEU A 346 -4.03 -3.02 -2.50
C LEU A 346 -4.82 -3.33 -1.25
N LEU A 347 -5.40 -4.51 -1.20
CA LEU A 347 -6.13 -4.91 0.00
C LEU A 347 -5.20 -4.86 1.18
N ALA A 348 -3.98 -5.31 0.97
CA ALA A 348 -2.99 -5.28 2.03
C ALA A 348 -2.75 -3.86 2.46
N PHE A 349 -2.76 -2.94 1.51
CA PHE A 349 -2.55 -1.53 1.79
C PHE A 349 -3.65 -1.00 2.67
N GLN A 350 -4.88 -1.34 2.34
CA GLN A 350 -6.01 -0.91 3.13
C GLN A 350 -5.88 -1.41 4.55
N VAL A 351 -5.63 -2.71 4.71
CA VAL A 351 -5.53 -3.28 6.05
C VAL A 351 -4.42 -2.64 6.86
N LEU A 352 -3.26 -2.52 6.24
CA LEU A 352 -2.12 -1.91 6.92
C LEU A 352 -2.47 -0.51 7.37
N LYS A 353 -3.08 0.27 6.50
CA LYS A 353 -3.42 1.64 6.83
C LYS A 353 -4.37 1.69 7.99
N GLN A 354 -5.33 0.77 8.01
CA GLN A 354 -6.27 0.69 9.11
C GLN A 354 -5.56 0.40 10.41
N LEU A 355 -4.74 -0.64 10.44
CA LEU A 355 -4.05 -1.01 11.66
C LEU A 355 -3.17 0.13 12.14
N GLN A 356 -2.63 0.88 11.20
CA GLN A 356 -1.85 2.05 11.55
C GLN A 356 -2.73 3.06 12.27
N SER A 357 -3.89 3.36 11.71
CA SER A 357 -4.79 4.32 12.34
C SER A 357 -5.19 3.87 13.72
N ILE A 358 -5.58 2.61 13.83
CA ILE A 358 -5.98 2.02 15.09
C ILE A 358 -4.90 2.20 16.13
N TRP A 359 -3.71 1.73 15.81
CA TRP A 359 -2.61 1.78 16.75
C TRP A 359 -2.24 3.20 17.10
N GLU A 360 -2.53 4.13 16.20
CA GLU A 360 -2.29 5.53 16.49
C GLU A 360 -3.28 5.96 17.54
N GLN A 361 -4.54 5.57 17.34
CA GLN A 361 -5.62 5.96 18.23
C GLN A 361 -5.34 5.56 19.66
N GLU A 362 -5.03 4.28 19.85
CA GLU A 362 -4.91 3.73 21.18
C GLU A 362 -3.53 4.02 21.73
N ARG A 363 -2.74 4.76 20.95
CA ARG A 363 -1.40 5.16 21.35
C ARG A 363 -0.43 4.03 21.59
N VAL A 364 -0.36 3.12 20.62
CA VAL A 364 0.60 2.04 20.65
C VAL A 364 1.71 2.35 19.66
N PRO A 365 2.96 2.30 20.13
CA PRO A 365 4.15 2.77 19.43
C PRO A 365 4.42 2.10 18.11
N LEU A 366 3.73 1.00 17.84
CA LEU A 366 4.02 0.15 16.69
C LEU A 366 4.16 0.92 15.40
N TRP A 367 5.18 0.59 14.64
CA TRP A 367 5.52 1.34 13.46
C TRP A 367 5.41 0.46 12.25
N ILE A 368 4.51 0.79 11.35
CA ILE A 368 4.46 0.14 10.05
C ILE A 368 4.25 1.22 9.01
N LYS A 369 4.71 0.97 7.80
CA LYS A 369 4.59 1.95 6.74
C LYS A 369 3.89 1.35 5.54
N PRO A 370 2.58 1.50 5.50
CA PRO A 370 1.84 1.06 4.31
C PRO A 370 2.27 1.91 3.15
N TYR A 371 2.57 1.29 2.02
CA TYR A 371 3.00 2.02 0.84
C TYR A 371 1.84 2.05 -0.12
N LYS A 372 1.70 3.14 -0.87
CA LYS A 372 0.52 3.33 -1.69
C LYS A 372 0.49 2.37 -2.84
N ILE A 373 -0.70 2.11 -3.36
CA ILE A 373 -0.90 1.19 -4.44
C ILE A 373 -1.88 1.79 -5.42
N LEU A 374 -1.58 1.68 -6.70
CA LEU A 374 -2.47 2.16 -7.73
C LEU A 374 -2.79 1.04 -8.67
N VAL A 375 -4.05 0.64 -8.69
CA VAL A 375 -4.46 -0.43 -9.56
C VAL A 375 -4.96 0.15 -10.85
N ILE A 376 -4.18 -0.01 -11.90
CA ILE A 376 -4.57 0.42 -13.24
C ILE A 376 -5.40 -0.62 -13.97
N SER A 377 -5.04 -1.88 -13.82
CA SER A 377 -5.80 -2.95 -14.44
C SER A 377 -5.65 -4.24 -13.66
N ALA A 378 -6.15 -5.31 -14.25
CA ALA A 378 -6.09 -6.61 -13.60
C ALA A 378 -4.71 -7.21 -13.74
N ASP A 379 -4.05 -6.94 -14.86
CA ASP A 379 -2.65 -7.31 -14.98
C ASP A 379 -1.68 -6.15 -14.77
N SER A 380 -2.17 -4.96 -14.48
CA SER A 380 -1.30 -3.79 -14.45
C SER A 380 -1.46 -2.97 -13.18
N GLY A 381 -0.50 -2.09 -12.93
CA GLY A 381 -0.60 -1.18 -11.79
C GLY A 381 0.68 -0.43 -11.49
N MET A 382 0.58 0.53 -10.57
CA MET A 382 1.73 1.30 -10.13
C MET A 382 1.85 1.30 -8.61
N ILE A 383 3.07 1.23 -8.11
CA ILE A 383 3.29 1.28 -6.67
C ILE A 383 4.16 2.47 -6.33
N GLU A 384 3.95 3.06 -5.16
CA GLU A 384 4.80 4.13 -4.70
C GLU A 384 5.88 3.53 -3.84
N PRO A 385 7.14 3.76 -4.20
CA PRO A 385 8.26 3.12 -3.54
C PRO A 385 8.58 3.76 -2.22
N VAL A 386 9.26 3.02 -1.36
CA VAL A 386 9.80 3.57 -0.14
C VAL A 386 11.18 4.10 -0.45
N VAL A 387 11.54 5.21 0.17
CA VAL A 387 12.81 5.84 -0.11
C VAL A 387 13.85 5.53 0.96
N ASN A 388 15.09 5.41 0.51
CA ASN A 388 16.22 5.17 1.40
C ASN A 388 16.23 3.84 2.11
N ALA A 389 15.16 3.07 1.97
CA ALA A 389 15.11 1.70 2.47
C ALA A 389 15.82 0.78 1.50
N VAL A 390 16.32 -0.35 2.01
CA VAL A 390 17.08 -1.27 1.18
C VAL A 390 16.87 -2.72 1.59
N SER A 391 17.18 -3.64 0.68
CA SER A 391 16.61 -4.98 0.67
C SER A 391 16.89 -5.90 1.84
N ILE A 392 17.88 -5.60 2.65
CA ILE A 392 18.26 -6.43 3.83
C ILE A 392 18.93 -7.73 3.44
N HIS A 393 18.73 -8.16 2.20
CA HIS A 393 19.54 -9.21 1.63
C HIS A 393 20.77 -8.48 1.18
N GLN A 394 20.53 -7.36 0.52
CA GLN A 394 21.56 -6.53 -0.04
C GLN A 394 22.47 -6.05 1.04
N VAL A 395 21.95 -5.87 2.24
CA VAL A 395 22.80 -5.46 3.34
C VAL A 395 23.74 -6.59 3.68
N LYS A 396 23.21 -7.81 3.73
CA LYS A 396 24.02 -8.97 4.04
C LYS A 396 25.10 -9.17 3.00
N LYS A 397 24.75 -8.93 1.75
CA LYS A 397 25.70 -9.11 0.65
C LYS A 397 26.75 -8.01 0.64
N GLN A 398 26.29 -6.77 0.60
CA GLN A 398 27.18 -5.63 0.51
C GLN A 398 28.10 -5.51 1.70
N SER A 399 27.50 -5.47 2.88
CA SER A 399 28.26 -5.21 4.09
C SER A 399 29.11 -6.40 4.46
N GLN A 400 28.59 -7.57 4.15
CA GLN A 400 29.15 -8.83 4.61
C GLN A 400 29.12 -8.87 6.13
N LEU A 401 28.10 -8.23 6.70
CA LEU A 401 28.01 -8.09 8.13
C LEU A 401 26.71 -8.60 8.71
N SER A 402 26.78 -9.13 9.92
CA SER A 402 25.61 -9.48 10.68
C SER A 402 24.79 -8.22 10.81
N LEU A 403 23.48 -8.39 10.84
CA LEU A 403 22.59 -7.25 10.88
C LEU A 403 22.97 -6.34 12.03
N LEU A 404 23.28 -6.94 13.16
CA LEU A 404 23.70 -6.18 14.32
C LEU A 404 24.92 -5.37 13.97
N ASP A 405 25.94 -6.05 13.47
CA ASP A 405 27.16 -5.37 13.10
C ASP A 405 26.88 -4.27 12.10
N TYR A 406 25.85 -4.43 11.30
CA TYR A 406 25.50 -3.37 10.38
C TYR A 406 24.99 -2.19 11.16
N PHE A 407 24.18 -2.46 12.17
CA PHE A 407 23.65 -1.39 13.00
C PHE A 407 24.77 -0.69 13.72
N LEU A 408 25.80 -1.43 14.06
CA LEU A 408 26.89 -0.89 14.82
C LEU A 408 27.84 -0.15 13.91
N GLN A 409 27.78 -0.44 12.61
CA GLN A 409 28.58 0.31 11.66
C GLN A 409 27.91 1.59 11.26
N GLU A 410 26.62 1.52 11.01
CA GLU A 410 25.88 2.63 10.45
C GLU A 410 25.50 3.63 11.52
N HIS A 411 24.71 3.21 12.49
CA HIS A 411 24.41 4.10 13.59
C HIS A 411 25.23 3.70 14.78
N GLY A 412 26.27 4.48 15.09
CA GLY A 412 26.88 4.46 16.39
C GLY A 412 27.34 3.11 16.92
N SER A 413 27.48 3.04 18.24
CA SER A 413 27.81 1.81 18.94
C SER A 413 26.74 1.61 19.99
N TYR A 414 26.93 0.62 20.85
CA TYR A 414 25.89 0.20 21.78
C TYR A 414 25.25 1.31 22.61
N THR A 415 26.04 2.26 23.08
CA THR A 415 25.53 3.31 23.93
C THR A 415 25.20 4.61 23.20
N THR A 416 25.36 4.59 21.89
CA THR A 416 25.14 5.78 21.08
C THR A 416 23.67 5.95 20.80
N GLU A 417 23.17 7.15 21.03
CA GLU A 417 21.76 7.45 20.88
C GLU A 417 21.24 7.10 19.48
N ALA A 418 22.10 7.19 18.49
CA ALA A 418 21.75 6.81 17.14
C ALA A 418 21.41 5.34 17.11
N PHE A 419 22.22 4.54 17.78
CA PHE A 419 21.99 3.12 17.83
C PHE A 419 20.69 2.83 18.56
N LEU A 420 20.52 3.40 19.74
CA LEU A 420 19.34 3.14 20.52
C LEU A 420 18.08 3.46 19.74
N SER A 421 18.05 4.63 19.11
CA SER A 421 16.88 4.99 18.33
C SER A 421 16.69 4.01 17.20
N ALA A 422 17.79 3.63 16.58
CA ALA A 422 17.73 2.74 15.46
C ALA A 422 17.05 1.45 15.86
N GLN A 423 17.58 0.78 16.86
CA GLN A 423 17.06 -0.52 17.22
C GLN A 423 15.72 -0.44 17.89
N ARG A 424 15.39 0.74 18.41
CA ARG A 424 14.07 0.91 19.01
C ARG A 424 13.07 0.86 17.88
N ASN A 425 13.32 1.66 16.85
CA ASN A 425 12.46 1.65 15.69
C ASN A 425 12.43 0.29 15.03
N PHE A 426 13.55 -0.42 15.12
CA PHE A 426 13.63 -1.77 14.62
C PHE A 426 12.64 -2.65 15.36
N VAL A 427 12.69 -2.58 16.69
CA VAL A 427 11.84 -3.42 17.52
C VAL A 427 10.38 -3.13 17.27
N GLN A 428 10.00 -1.87 17.34
CA GLN A 428 8.62 -1.47 17.12
C GLN A 428 8.14 -1.91 15.76
N SER A 429 8.94 -1.64 14.73
CA SER A 429 8.62 -2.04 13.37
C SER A 429 8.39 -3.54 13.26
N CYS A 430 9.39 -4.29 13.69
CA CYS A 430 9.37 -5.74 13.64
C CYS A 430 8.15 -6.27 14.34
N ALA A 431 7.72 -5.57 15.38
CA ALA A 431 6.56 -5.99 16.14
C ALA A 431 5.31 -5.76 15.34
N GLY A 432 5.15 -4.54 14.85
CA GLY A 432 3.99 -4.19 14.06
C GLY A 432 3.82 -5.17 12.94
N TYR A 433 4.93 -5.53 12.30
CA TYR A 433 4.86 -6.42 11.15
C TYR A 433 4.72 -7.88 11.54
N CYS A 434 5.09 -8.24 12.76
CA CYS A 434 4.80 -9.58 13.20
C CYS A 434 3.32 -9.71 13.38
N LEU A 435 2.70 -8.66 13.91
CA LEU A 435 1.25 -8.68 14.12
C LEU A 435 0.50 -8.67 12.81
N VAL A 436 0.89 -7.75 11.94
CA VAL A 436 0.30 -7.69 10.62
C VAL A 436 0.39 -9.04 9.97
N CYS A 437 1.60 -9.59 9.89
CA CYS A 437 1.79 -10.86 9.22
C CYS A 437 0.97 -11.96 9.89
N TYR A 438 0.79 -11.89 11.20
CA TYR A 438 -0.03 -12.90 11.86
C TYR A 438 -1.46 -12.81 11.40
N LEU A 439 -2.07 -11.65 11.62
CA LEU A 439 -3.48 -11.47 11.37
C LEU A 439 -3.84 -11.71 9.92
N LEU A 440 -3.06 -11.10 9.04
CA LEU A 440 -3.34 -11.10 7.62
C LEU A 440 -2.84 -12.40 7.01
N GLN A 441 -2.21 -13.23 7.83
CA GLN A 441 -1.66 -14.50 7.41
C GLN A 441 -0.77 -14.32 6.21
N VAL A 442 0.12 -13.34 6.32
CA VAL A 442 1.04 -13.05 5.24
C VAL A 442 2.03 -14.18 5.14
N LYS A 443 2.38 -14.53 3.91
CA LYS A 443 3.34 -15.59 3.69
C LYS A 443 4.39 -15.11 2.71
N ASP A 444 5.26 -16.02 2.30
CA ASP A 444 6.30 -15.74 1.33
C ASP A 444 7.26 -14.70 1.86
N ARG A 445 7.63 -14.85 3.12
CA ARG A 445 8.55 -13.90 3.69
C ARG A 445 9.98 -14.36 3.53
N HIS A 446 10.77 -13.54 2.86
CA HIS A 446 12.21 -13.71 2.84
C HIS A 446 12.88 -12.37 2.90
N ASN A 447 14.20 -12.38 2.94
CA ASN A 447 14.96 -11.15 3.04
C ASN A 447 14.70 -10.24 1.87
N GLY A 448 14.29 -10.81 0.74
CA GLY A 448 13.95 -10.00 -0.40
C GLY A 448 12.71 -9.18 -0.14
N ASN A 449 11.85 -9.65 0.74
CA ASN A 449 10.59 -8.99 1.02
C ASN A 449 10.62 -8.01 2.17
N ILE A 450 11.72 -7.96 2.90
CA ILE A 450 11.82 -7.08 4.04
C ILE A 450 12.93 -6.08 3.82
N LEU A 451 12.62 -4.80 3.96
CA LEU A 451 13.60 -3.76 3.77
C LEU A 451 14.05 -3.20 5.08
N LEU A 452 15.05 -2.33 5.04
CA LEU A 452 15.54 -1.66 6.22
C LEU A 452 15.79 -0.20 5.87
N ASP A 453 15.05 0.71 6.49
CA ASP A 453 15.22 2.13 6.21
C ASP A 453 16.40 2.73 6.95
N ALA A 454 16.86 3.88 6.47
CA ALA A 454 18.03 4.53 7.04
C ALA A 454 17.85 4.90 8.50
N GLU A 455 16.61 4.87 8.98
CA GLU A 455 16.35 5.15 10.37
C GLU A 455 16.27 3.88 11.17
N GLY A 456 16.37 2.74 10.49
CA GLY A 456 16.44 1.46 11.16
C GLY A 456 15.15 0.72 11.40
N HIS A 457 14.12 0.99 10.61
CA HIS A 457 12.89 0.22 10.71
C HIS A 457 13.05 -0.99 9.83
N ILE A 458 12.05 -1.86 9.80
CA ILE A 458 12.01 -2.85 8.74
C ILE A 458 10.67 -2.78 8.04
N ILE A 459 10.67 -2.99 6.72
CA ILE A 459 9.47 -2.76 5.94
C ILE A 459 9.13 -3.90 4.99
N HIS A 460 8.02 -4.56 5.23
CA HIS A 460 7.65 -5.71 4.42
C HIS A 460 7.00 -5.31 3.12
N ILE A 461 7.22 -6.11 2.09
CA ILE A 461 6.62 -5.89 0.79
C ILE A 461 6.20 -7.22 0.17
N ASP A 462 5.76 -7.19 -1.08
CA ASP A 462 5.30 -8.38 -1.79
C ASP A 462 4.21 -9.11 -1.03
N PHE A 463 3.04 -8.49 -0.99
CA PHE A 463 1.92 -9.01 -0.24
C PHE A 463 1.07 -9.94 -1.06
N GLY A 464 1.55 -10.29 -2.24
CA GLY A 464 0.84 -11.19 -3.12
C GLY A 464 0.29 -12.45 -2.47
N PHE A 465 1.00 -13.00 -1.50
CA PHE A 465 0.54 -14.21 -0.87
C PHE A 465 0.07 -13.94 0.54
N ILE A 466 -1.24 -13.95 0.75
CA ILE A 466 -1.84 -13.63 2.03
C ILE A 466 -3.12 -14.40 2.21
N LEU A 467 -3.59 -14.43 3.45
CA LEU A 467 -4.82 -15.11 3.79
C LEU A 467 -4.79 -16.55 3.33
N SER A 468 -5.68 -16.92 2.43
CA SER A 468 -5.77 -18.29 1.97
C SER A 468 -4.83 -18.56 0.83
N SER A 469 -4.08 -17.57 0.40
CA SER A 469 -3.19 -17.71 -0.73
C SER A 469 -1.82 -18.20 -0.32
N SER A 470 -1.45 -19.39 -0.78
CA SER A 470 -0.19 -19.98 -0.39
C SER A 470 0.64 -20.26 -1.64
N PRO A 471 1.96 -20.11 -1.54
CA PRO A 471 2.85 -20.35 -2.67
C PRO A 471 2.84 -21.80 -3.11
N ARG A 472 3.11 -22.01 -4.39
CA ARG A 472 3.18 -23.34 -4.94
C ARG A 472 4.54 -23.92 -4.59
N ASN A 473 4.89 -25.02 -5.24
CA ASN A 473 6.13 -25.73 -4.96
C ASN A 473 6.15 -26.07 -3.50
N LEU A 474 7.16 -25.51 -2.83
CA LEU A 474 7.12 -25.36 -1.41
C LEU A 474 6.76 -26.65 -0.78
N GLY A 475 7.59 -27.65 -0.96
CA GLY A 475 7.35 -28.91 -0.30
C GLY A 475 7.84 -28.78 1.11
N PHE A 476 6.91 -28.86 2.04
CA PHE A 476 7.21 -29.24 3.39
C PHE A 476 8.03 -28.19 4.10
N GLU A 477 8.17 -27.03 3.49
CA GLU A 477 8.79 -25.88 4.10
C GLU A 477 7.80 -24.79 3.86
N THR A 478 7.48 -23.97 4.87
CA THR A 478 6.45 -22.98 4.69
C THR A 478 7.07 -21.63 4.85
N SER A 479 6.66 -20.69 4.00
CA SER A 479 7.30 -19.40 3.92
C SER A 479 6.57 -18.35 4.67
N ALA A 480 7.09 -18.05 5.83
CA ALA A 480 6.37 -17.25 6.81
C ALA A 480 7.32 -16.41 7.62
N PHE A 481 6.77 -15.43 8.32
CA PHE A 481 7.56 -14.55 9.18
C PHE A 481 8.29 -15.37 10.21
N LYS A 482 9.59 -15.19 10.29
CA LYS A 482 10.39 -15.88 11.27
C LYS A 482 11.29 -14.90 11.98
N LEU A 483 11.50 -15.11 13.28
CA LEU A 483 12.44 -14.30 14.01
C LEU A 483 13.75 -15.01 13.93
N THR A 484 14.67 -14.47 13.16
CA THR A 484 15.96 -15.08 13.00
C THR A 484 16.74 -14.81 14.25
N THR A 485 17.76 -15.62 14.50
CA THR A 485 18.63 -15.39 15.62
C THR A 485 19.29 -14.05 15.40
N GLU A 486 19.56 -13.75 14.14
CA GLU A 486 20.25 -12.54 13.77
C GLU A 486 19.44 -11.31 14.16
N PHE A 487 18.13 -11.47 14.22
CA PHE A 487 17.25 -10.39 14.62
C PHE A 487 17.34 -10.16 16.11
N VAL A 488 17.22 -11.25 16.86
CA VAL A 488 17.24 -11.17 18.30
C VAL A 488 18.53 -10.49 18.69
N ASP A 489 19.61 -10.92 18.06
CA ASP A 489 20.92 -10.34 18.33
C ASP A 489 20.91 -8.83 18.20
N VAL A 490 20.07 -8.31 17.32
CA VAL A 490 19.97 -6.87 17.17
C VAL A 490 19.20 -6.31 18.33
N MET A 491 18.08 -6.95 18.65
CA MET A 491 17.20 -6.46 19.69
C MET A 491 17.85 -6.45 21.05
N GLY A 492 18.69 -7.43 21.31
CA GLY A 492 18.88 -7.87 22.67
C GLY A 492 19.25 -9.32 22.57
N GLY A 493 18.74 -10.10 23.51
CA GLY A 493 18.83 -11.53 23.43
C GLY A 493 17.50 -11.98 23.98
N LEU A 494 17.22 -13.28 23.94
CA LEU A 494 15.96 -13.80 24.45
C LEU A 494 15.69 -13.21 25.82
N ASP A 495 16.75 -13.09 26.62
CA ASP A 495 16.69 -12.27 27.80
C ASP A 495 17.40 -11.00 27.47
N GLY A 496 16.64 -9.93 27.27
CA GLY A 496 17.22 -8.67 26.85
C GLY A 496 16.23 -7.59 27.16
N ASP A 497 16.73 -6.39 27.36
CA ASP A 497 15.91 -5.34 27.92
C ASP A 497 14.78 -4.96 26.99
N MET A 498 15.02 -5.02 25.69
CA MET A 498 14.03 -4.61 24.72
C MET A 498 13.20 -5.72 24.13
N PHE A 499 13.52 -6.96 24.48
CA PHE A 499 12.75 -8.07 23.95
C PHE A 499 11.39 -8.10 24.61
N ASN A 500 11.37 -7.87 25.91
CA ASN A 500 10.12 -7.77 26.63
C ASN A 500 9.28 -6.64 26.09
N TYR A 501 9.95 -5.61 25.61
CA TYR A 501 9.29 -4.47 25.01
C TYR A 501 8.64 -4.91 23.72
N TYR A 502 9.35 -5.75 22.98
CA TYR A 502 8.82 -6.32 21.75
C TYR A 502 7.53 -7.05 22.05
N LYS A 503 7.62 -8.03 22.94
CA LYS A 503 6.47 -8.87 23.26
C LYS A 503 5.30 -8.08 23.82
N MET A 504 5.60 -7.11 24.66
CA MET A 504 4.58 -6.29 25.27
C MET A 504 3.87 -5.53 24.18
N LEU A 505 4.65 -4.96 23.29
CA LEU A 505 4.10 -4.23 22.17
C LEU A 505 3.17 -5.08 21.37
N MET A 506 3.60 -6.30 21.07
CA MET A 506 2.76 -7.23 20.33
C MET A 506 1.44 -7.42 21.06
N LEU A 507 1.53 -7.58 22.38
CA LEU A 507 0.34 -7.81 23.16
C LEU A 507 -0.62 -6.65 23.03
N GLN A 508 -0.11 -5.46 23.31
CA GLN A 508 -0.94 -4.26 23.28
C GLN A 508 -1.61 -4.09 21.94
N GLY A 509 -0.82 -4.21 20.88
CA GLY A 509 -1.35 -4.07 19.54
C GLY A 509 -2.43 -5.08 19.28
N LEU A 510 -2.24 -6.30 19.77
CA LEU A 510 -3.21 -7.34 19.54
C LEU A 510 -4.50 -7.01 20.24
N ILE A 511 -4.38 -6.45 21.42
CA ILE A 511 -5.53 -5.95 22.15
C ILE A 511 -6.29 -4.93 21.34
N ALA A 512 -5.66 -3.81 21.02
CA ALA A 512 -6.33 -2.74 20.29
C ALA A 512 -6.96 -3.24 19.01
N ALA A 513 -6.28 -4.20 18.38
CA ALA A 513 -6.79 -4.82 17.19
C ALA A 513 -8.10 -5.49 17.51
N ARG A 514 -8.13 -6.24 18.60
CA ARG A 514 -9.35 -6.90 19.01
C ARG A 514 -10.45 -5.88 19.21
N LYS A 515 -10.07 -4.73 19.73
CA LYS A 515 -11.05 -3.70 20.04
C LYS A 515 -11.70 -3.24 18.75
N HIS A 516 -10.89 -2.98 17.74
CA HIS A 516 -11.39 -2.42 16.49
C HIS A 516 -11.71 -3.38 15.37
N MET A 517 -11.67 -4.66 15.68
CA MET A 517 -11.67 -5.74 14.71
C MET A 517 -12.64 -5.59 13.57
N ASP A 518 -13.86 -5.14 13.86
CA ASP A 518 -14.90 -5.02 12.84
C ASP A 518 -14.40 -4.19 11.67
N LYS A 519 -13.68 -3.13 11.99
CA LYS A 519 -13.24 -2.19 10.98
C LYS A 519 -12.28 -2.87 10.04
N VAL A 520 -11.45 -3.75 10.57
CA VAL A 520 -10.45 -4.43 9.77
C VAL A 520 -11.06 -5.53 8.93
N VAL A 521 -11.91 -6.33 9.55
CA VAL A 521 -12.53 -7.44 8.83
C VAL A 521 -13.42 -6.92 7.71
N GLN A 522 -14.00 -5.76 7.92
CA GLN A 522 -14.96 -5.19 6.98
C GLN A 522 -14.41 -5.13 5.57
N ILE A 523 -13.25 -4.51 5.45
CA ILE A 523 -12.58 -4.33 4.18
C ILE A 523 -12.48 -5.62 3.39
N VAL A 524 -11.92 -6.62 4.04
CA VAL A 524 -11.71 -7.90 3.39
C VAL A 524 -13.02 -8.51 2.99
N GLU A 525 -13.91 -8.67 3.98
CA GLU A 525 -15.18 -9.32 3.77
C GLU A 525 -15.87 -8.74 2.56
N ILE A 526 -15.88 -7.42 2.49
CA ILE A 526 -16.48 -6.75 1.34
C ILE A 526 -15.78 -7.09 0.06
N MET A 527 -14.46 -7.01 0.07
CA MET A 527 -13.72 -7.23 -1.16
C MET A 527 -13.70 -8.69 -1.61
N GLN A 528 -14.29 -9.57 -0.81
CA GLN A 528 -14.39 -10.97 -1.22
C GLN A 528 -15.39 -11.15 -2.34
N GLN A 529 -16.34 -10.23 -2.44
CA GLN A 529 -17.41 -10.37 -3.41
C GLN A 529 -16.89 -10.52 -4.82
N GLY A 530 -17.33 -11.57 -5.49
CA GLY A 530 -17.01 -11.80 -6.88
C GLY A 530 -15.54 -11.72 -7.25
N SER A 531 -14.69 -12.24 -6.38
CA SER A 531 -13.26 -12.18 -6.64
C SER A 531 -12.73 -13.50 -7.16
N GLN A 532 -11.79 -13.41 -8.09
CA GLN A 532 -11.15 -14.58 -8.68
C GLN A 532 -9.84 -14.89 -7.97
N LEU A 533 -9.55 -14.15 -6.91
CA LEU A 533 -8.24 -14.15 -6.28
C LEU A 533 -8.05 -15.28 -5.29
N PRO A 534 -6.82 -15.77 -5.15
CA PRO A 534 -6.51 -16.94 -4.36
C PRO A 534 -6.71 -16.70 -2.89
N CYS A 535 -6.57 -15.45 -2.47
CA CYS A 535 -6.63 -15.10 -1.06
C CYS A 535 -7.98 -15.43 -0.48
N PHE A 536 -9.00 -15.41 -1.32
CA PHE A 536 -10.34 -15.74 -0.87
C PHE A 536 -10.65 -17.17 -1.13
N HIS A 537 -10.90 -17.92 -0.06
CA HIS A 537 -11.29 -19.30 -0.19
C HIS A 537 -12.55 -19.46 0.62
N GLY A 538 -13.67 -19.64 -0.05
CA GLY A 538 -14.94 -19.86 0.60
C GLY A 538 -15.28 -18.90 1.69
N SER A 539 -15.91 -19.41 2.74
CA SER A 539 -16.18 -18.65 3.94
C SER A 539 -15.09 -18.91 4.95
N SER A 540 -14.09 -19.67 4.53
CA SER A 540 -13.00 -20.02 5.42
C SER A 540 -12.22 -18.80 5.80
N THR A 541 -11.99 -17.92 4.83
CA THR A 541 -11.09 -16.79 5.00
C THR A 541 -11.49 -15.90 6.17
N ILE A 542 -12.71 -15.40 6.10
CA ILE A 542 -13.23 -14.52 7.11
C ILE A 542 -13.32 -15.21 8.44
N ARG A 543 -13.70 -16.48 8.42
CA ARG A 543 -13.85 -17.23 9.64
C ARG A 543 -12.53 -17.28 10.34
N ASN A 544 -11.53 -17.80 9.65
CA ASN A 544 -10.21 -17.96 10.22
C ASN A 544 -9.66 -16.62 10.66
N LEU A 545 -10.08 -15.55 10.00
CA LEU A 545 -9.62 -14.21 10.36
C LEU A 545 -10.18 -13.78 11.69
N LYS A 546 -11.50 -13.90 11.80
CA LYS A 546 -12.19 -13.58 13.03
C LYS A 546 -11.55 -14.36 14.16
N GLU A 547 -11.37 -15.65 13.95
CA GLU A 547 -10.76 -16.49 14.96
C GLU A 547 -9.31 -16.10 15.19
N ARG A 548 -8.72 -15.39 14.24
CA ARG A 548 -7.36 -14.93 14.41
C ARG A 548 -7.34 -13.73 15.30
N PHE A 549 -8.49 -13.09 15.47
CA PHE A 549 -8.54 -11.97 16.42
C PHE A 549 -8.68 -12.39 17.87
N HIS A 550 -9.18 -13.61 18.11
CA HIS A 550 -9.31 -14.14 19.46
C HIS A 550 -10.05 -13.20 20.38
N MET A 551 -11.35 -13.06 20.19
CA MET A 551 -12.13 -12.18 21.02
C MET A 551 -12.55 -12.86 22.31
N SER A 552 -12.27 -14.16 22.39
CA SER A 552 -12.68 -14.95 23.54
C SER A 552 -11.56 -15.08 24.57
N MET A 553 -10.44 -14.45 24.30
CA MET A 553 -9.26 -14.59 25.14
C MET A 553 -9.11 -13.47 26.14
N THR A 554 -8.58 -13.82 27.31
CA THR A 554 -8.25 -12.87 28.36
C THR A 554 -6.80 -12.48 28.22
N GLU A 555 -6.49 -11.23 28.55
CA GLU A 555 -5.17 -10.67 28.28
C GLU A 555 -4.04 -11.52 28.81
N GLU A 556 -4.31 -12.34 29.81
CA GLU A 556 -3.30 -13.29 30.27
C GLU A 556 -3.14 -14.38 29.23
N GLN A 557 -4.26 -14.86 28.70
CA GLN A 557 -4.22 -15.88 27.67
C GLN A 557 -3.65 -15.29 26.42
N LEU A 558 -3.78 -13.98 26.26
CA LEU A 558 -3.19 -13.30 25.12
C LEU A 558 -1.69 -13.17 25.30
N GLN A 559 -1.26 -12.99 26.54
CA GLN A 559 0.16 -12.92 26.83
C GLN A 559 0.76 -14.25 26.51
N LEU A 560 0.06 -15.30 26.92
CA LEU A 560 0.48 -16.66 26.66
C LEU A 560 0.59 -16.86 25.17
N LEU A 561 -0.48 -16.49 24.46
CA LEU A 561 -0.53 -16.64 23.03
C LEU A 561 0.66 -16.00 22.40
N VAL A 562 0.96 -14.79 22.82
CA VAL A 562 2.09 -14.08 22.26
C VAL A 562 3.40 -14.80 22.57
N GLU A 563 3.48 -15.41 23.74
CA GLU A 563 4.67 -16.20 24.04
C GLU A 563 4.77 -17.33 23.04
N GLN A 564 3.62 -17.89 22.66
CA GLN A 564 3.59 -19.00 21.73
C GLN A 564 3.94 -18.54 20.34
N MET A 565 3.61 -17.31 20.03
CA MET A 565 3.85 -16.75 18.71
C MET A 565 5.33 -16.51 18.55
N VAL A 566 5.93 -15.89 19.55
CA VAL A 566 7.35 -15.66 19.54
C VAL A 566 8.11 -16.96 19.50
N ASP A 567 7.83 -17.86 20.43
CA ASP A 567 8.47 -19.17 20.42
C ASP A 567 8.26 -19.87 19.10
N GLY A 568 7.14 -19.59 18.46
CA GLY A 568 6.78 -20.28 17.23
C GLY A 568 7.47 -19.67 16.05
N SER A 569 7.92 -18.44 16.19
CA SER A 569 8.64 -17.78 15.14
C SER A 569 10.03 -18.34 15.07
N MET A 570 10.69 -18.39 16.23
CA MET A 570 12.03 -18.91 16.29
C MET A 570 12.00 -20.42 16.30
N ARG A 571 12.74 -21.04 15.39
CA ARG A 571 12.83 -22.49 15.34
C ARG A 571 14.13 -22.93 14.70
#